data_8EIC
#
_entry.id   8EIC
#
_cell.length_a   56.110
_cell.length_b   71.540
_cell.length_c   164.560
_cell.angle_alpha   90.000
_cell.angle_beta   90.000
_cell.angle_gamma   90.000
#
_symmetry.space_group_name_H-M   'P 21 21 21'
#
loop_
_entity.id
_entity.type
_entity.pdbx_description
1 polymer 'Catenin beta-1'
2 polymer 'E3 ubiquitin-protein ligase Mdm2'
3 polymer H330
4 non-polymer "N,N'-(1,4-phenylene)diacetamide"
5 water water
#
loop_
_entity_poly.entity_id
_entity_poly.type
_entity_poly.pdbx_seq_one_letter_code
_entity_poly.pdbx_strand_id
1 'polypeptide(L)'
;GHAVVNLINYQDDAELATRAIPELTKLLNDEDQVVVNKAAVMVHQLSKKEASRHAIMRSPQMVSAIVRTMQNTNDVETAR
CTAGTLHNLSHHREGLLAIFKSGGIPALVKMLGSPVDSVLFYAITTLHNLLLHQEGAKMAVRLAGGLQKMVALLNKTNVK
FLAITTDCLQILAYGNQESKLIILASGGPQALVNIMRTYTYEKLLWTTSRVLKVLSVCSSNKPAIVEAGGMQALGLHLTD
PSQRLVQNCLWTLRNLSDAATKQEGMEGLLGTLVQLLGSDDINVVTCAAGILSNLTCNNYKNKMMVCQVGGIEALVRTVL
RAGDREDITEPAICALRHLTSRHQEAEMAQNAVRLHYGLPVVVKLLHPPSHWPLIKATVGLIRNLALCPANHAPLREQGA
IPRLVQLLVRAHQDTQRRTSMGGTQQQFVEGVRMEEIVEGCTGALHILARDVHNRIVIRGLNTIPLFVQLLYSPIENIQR
VAAGVLCELAQDKEAAEAIEAEGATAPLTELLHSRNEGVATYAAAVLFRMSED
;
A
2 'polypeptide(L)'
;SQIPASEQETLVRPKPLLLKLLKSVGAQKDTYTMKEVLFYLGQYIMTKRLYDEKQQHIVYCSNDLLGDLFGVPSFSVKEH
RKIYTMIYRNLVVVN
;
B
3 'polypeptide(L)' (ACE)PWKYEQVCYQAAWQCLSDDWD(NH2) C
#
# COMPACT_ATOMS: atom_id res chain seq x y z
N ALA A 17 -45.20 -0.41 -44.72
CA ALA A 17 -44.41 0.82 -44.67
C ALA A 17 -45.31 2.03 -44.48
N THR A 18 -44.95 3.14 -45.13
CA THR A 18 -45.68 4.40 -45.01
C THR A 18 -47.13 4.24 -45.44
N ARG A 19 -47.94 3.56 -44.61
CA ARG A 19 -49.36 3.42 -44.85
C ARG A 19 -50.11 3.72 -43.55
N ALA A 20 -49.71 3.05 -42.47
CA ALA A 20 -50.22 3.33 -41.14
C ALA A 20 -49.26 4.18 -40.31
N ILE A 21 -48.04 4.41 -40.80
CA ILE A 21 -47.04 5.15 -40.01
C ILE A 21 -47.46 6.59 -39.75
N PRO A 22 -47.84 7.39 -40.77
CA PRO A 22 -48.27 8.76 -40.46
C PRO A 22 -49.42 8.82 -39.47
N GLU A 23 -50.41 7.94 -39.62
CA GLU A 23 -51.55 7.95 -38.72
C GLU A 23 -51.17 7.47 -37.32
N LEU A 24 -50.23 6.54 -37.21
CA LEU A 24 -49.71 6.16 -35.91
C LEU A 24 -48.86 7.28 -35.32
N THR A 25 -48.04 7.93 -36.15
CA THR A 25 -47.30 9.11 -35.70
C THR A 25 -48.25 10.18 -35.18
N LYS A 26 -49.41 10.32 -35.82
CA LYS A 26 -50.40 11.31 -35.41
C LYS A 26 -51.26 10.85 -34.24
N LEU A 27 -51.08 9.64 -33.75
CA LEU A 27 -51.82 9.17 -32.57
C LEU A 27 -50.99 9.15 -31.30
N LEU A 28 -49.67 8.97 -31.39
CA LEU A 28 -48.84 9.17 -30.20
C LEU A 28 -48.96 10.61 -29.73
N ASN A 29 -49.04 11.54 -30.67
CA ASN A 29 -49.37 12.93 -30.38
C ASN A 29 -50.89 13.04 -30.34
N ASP A 30 -51.45 13.04 -29.12
CA ASP A 30 -52.88 13.17 -28.94
C ASP A 30 -53.18 13.56 -27.49
N GLU A 31 -54.04 14.56 -27.29
CA GLU A 31 -54.34 15.01 -25.94
C GLU A 31 -55.14 13.98 -25.13
N ASP A 32 -55.68 12.95 -25.78
CA ASP A 32 -56.29 11.83 -25.08
C ASP A 32 -55.22 10.76 -24.85
N GLN A 33 -55.01 10.40 -23.59
CA GLN A 33 -53.94 9.47 -23.22
C GLN A 33 -54.35 8.02 -23.42
N VAL A 34 -55.64 7.71 -23.50
CA VAL A 34 -56.07 6.40 -23.97
C VAL A 34 -55.69 6.19 -25.43
N VAL A 35 -55.85 7.22 -26.25
CA VAL A 35 -55.56 7.07 -27.68
C VAL A 35 -54.10 6.75 -27.90
N VAL A 36 -53.21 7.33 -27.08
CA VAL A 36 -51.79 7.09 -27.27
C VAL A 36 -51.41 5.68 -26.80
N ASN A 37 -52.23 5.09 -25.93
CA ASN A 37 -52.03 3.72 -25.45
C ASN A 37 -52.09 2.74 -26.60
N LYS A 38 -53.30 2.47 -27.11
CA LYS A 38 -53.46 1.51 -28.20
C LYS A 38 -52.60 1.89 -29.41
N ALA A 39 -52.33 3.18 -29.58
CA ALA A 39 -51.32 3.58 -30.56
C ALA A 39 -50.02 2.84 -30.25
N ALA A 40 -49.40 3.19 -29.12
CA ALA A 40 -48.07 2.69 -28.78
C ALA A 40 -47.97 1.17 -28.85
N VAL A 41 -49.04 0.47 -28.46
CA VAL A 41 -49.00 -0.99 -28.43
C VAL A 41 -48.80 -1.56 -29.83
N MET A 42 -49.58 -1.06 -30.78
CA MET A 42 -49.58 -1.59 -32.13
C MET A 42 -48.36 -1.09 -32.91
N VAL A 43 -47.70 -0.04 -32.40
CA VAL A 43 -46.41 0.38 -32.95
C VAL A 43 -45.31 -0.56 -32.45
N HIS A 44 -45.56 -1.26 -31.34
CA HIS A 44 -44.59 -2.18 -30.75
C HIS A 44 -44.53 -3.52 -31.50
N GLN A 45 -45.74 -3.99 -31.78
CA GLN A 45 -45.86 -5.16 -32.54
C GLN A 45 -45.37 -4.81 -33.89
N LEU A 46 -45.64 -3.61 -34.35
CA LEU A 46 -45.17 -3.21 -35.61
C LEU A 46 -43.67 -3.27 -35.64
N SER A 47 -42.98 -2.75 -34.64
CA SER A 47 -41.52 -2.72 -34.73
C SER A 47 -40.73 -3.99 -34.78
N LYS A 48 -41.40 -5.12 -34.85
CA LYS A 48 -40.77 -6.43 -34.75
C LYS A 48 -40.36 -7.05 -36.07
N LYS A 49 -40.88 -6.54 -37.18
CA LYS A 49 -40.53 -7.09 -38.48
C LYS A 49 -39.63 -6.12 -39.22
N GLU A 50 -38.60 -6.67 -39.89
CA GLU A 50 -37.59 -5.87 -40.56
C GLU A 50 -38.23 -4.88 -41.52
N ALA A 51 -39.25 -5.30 -42.27
CA ALA A 51 -39.91 -4.40 -43.20
C ALA A 51 -40.63 -3.29 -42.47
N SER A 52 -41.29 -3.61 -41.35
CA SER A 52 -42.07 -2.63 -40.62
C SER A 52 -41.22 -1.75 -39.72
N ARG A 53 -40.03 -2.20 -39.31
CA ARG A 53 -39.17 -1.35 -38.51
C ARG A 53 -38.25 -0.49 -39.34
N HIS A 54 -37.84 -0.96 -40.54
CA HIS A 54 -37.14 -0.10 -41.48
C HIS A 54 -37.84 1.24 -41.57
N ALA A 55 -39.16 1.21 -41.68
CA ALA A 55 -39.91 2.40 -42.06
C ALA A 55 -40.04 3.37 -40.89
N ILE A 56 -40.14 2.80 -39.71
CA ILE A 56 -40.18 3.64 -38.55
C ILE A 56 -38.88 4.34 -38.45
N MET A 57 -37.82 3.70 -38.88
CA MET A 57 -36.53 4.29 -38.79
C MET A 57 -36.32 5.41 -39.75
N ARG A 58 -36.91 5.27 -40.92
CA ARG A 58 -36.72 6.24 -41.96
C ARG A 58 -37.68 7.38 -41.82
N SER A 59 -38.52 7.29 -40.83
CA SER A 59 -39.48 8.34 -40.58
C SER A 59 -39.04 9.15 -39.36
N PRO A 60 -38.42 10.31 -39.55
CA PRO A 60 -37.95 11.09 -38.38
C PRO A 60 -39.07 11.47 -37.43
N GLN A 61 -40.29 11.60 -37.96
CA GLN A 61 -41.42 12.05 -37.14
C GLN A 61 -41.86 10.98 -36.18
N MET A 62 -41.93 9.74 -36.65
CA MET A 62 -42.34 8.62 -35.81
C MET A 62 -41.38 8.43 -34.63
N VAL A 63 -40.09 8.68 -34.85
CA VAL A 63 -39.09 8.31 -33.85
C VAL A 63 -39.14 9.25 -32.65
N SER A 64 -39.26 10.55 -32.88
CA SER A 64 -39.33 11.47 -31.76
C SER A 64 -40.67 11.37 -31.03
N ALA A 65 -41.73 10.95 -31.74
CA ALA A 65 -43.01 10.75 -31.07
C ALA A 65 -42.94 9.57 -30.10
N ILE A 66 -42.16 8.59 -30.44
CA ILE A 66 -42.00 7.48 -29.55
C ILE A 66 -41.21 7.89 -28.37
N VAL A 67 -40.18 8.64 -28.64
CA VAL A 67 -39.29 9.12 -27.61
C VAL A 67 -39.95 10.13 -26.76
N ARG A 68 -40.79 10.93 -27.33
CA ARG A 68 -41.44 11.93 -26.58
C ARG A 68 -42.50 11.33 -25.74
N THR A 69 -43.18 10.32 -26.24
CA THR A 69 -44.23 9.74 -25.44
C THR A 69 -43.69 8.83 -24.40
N MET A 70 -42.56 8.21 -24.66
CA MET A 70 -41.97 7.33 -23.70
C MET A 70 -41.65 8.11 -22.45
N GLN A 71 -40.96 9.20 -22.68
CA GLN A 71 -40.53 10.12 -21.68
C GLN A 71 -41.58 10.88 -20.97
N ASN A 72 -42.79 10.98 -21.46
CA ASN A 72 -43.75 11.82 -20.76
C ASN A 72 -44.96 11.15 -20.23
N THR A 73 -45.24 9.95 -20.67
CA THR A 73 -46.42 9.28 -20.24
C THR A 73 -46.38 8.81 -18.83
N ASN A 74 -47.54 8.61 -18.21
CA ASN A 74 -47.52 8.11 -16.86
C ASN A 74 -48.04 6.74 -16.77
N ASP A 75 -48.66 6.30 -17.82
CA ASP A 75 -49.14 4.93 -17.93
C ASP A 75 -47.98 3.99 -18.24
N VAL A 76 -48.04 2.79 -17.65
CA VAL A 76 -46.88 1.89 -17.64
C VAL A 76 -46.79 1.10 -18.93
N GLU A 77 -47.92 0.55 -19.41
CA GLU A 77 -47.86 -0.34 -20.56
C GLU A 77 -47.30 0.36 -21.79
N THR A 78 -47.73 1.60 -22.03
CA THR A 78 -47.17 2.36 -23.14
C THR A 78 -45.71 2.68 -22.93
N ALA A 79 -45.29 2.86 -21.68
CA ALA A 79 -43.91 3.25 -21.39
C ALA A 79 -42.91 2.16 -21.74
N ARG A 80 -43.34 0.89 -21.71
CA ARG A 80 -42.44 -0.20 -22.08
C ARG A 80 -42.65 -0.67 -23.52
N CYS A 81 -43.81 -0.38 -24.12
CA CYS A 81 -43.95 -0.57 -25.55
C CYS A 81 -43.06 0.39 -26.30
N THR A 82 -43.08 1.67 -25.93
CA THR A 82 -42.18 2.65 -26.51
C THR A 82 -40.72 2.30 -26.24
N ALA A 83 -40.41 1.97 -24.98
CA ALA A 83 -39.04 1.59 -24.64
C ALA A 83 -38.62 0.33 -25.40
N GLY A 84 -39.50 -0.67 -25.44
CA GLY A 84 -39.21 -1.84 -26.26
C GLY A 84 -39.10 -1.51 -27.73
N THR A 85 -39.83 -0.50 -28.19
CA THR A 85 -39.76 -0.11 -29.59
C THR A 85 -38.36 0.43 -29.91
N LEU A 86 -37.86 1.34 -29.06
CA LEU A 86 -36.52 1.88 -29.25
C LEU A 86 -35.45 0.79 -29.12
N HIS A 87 -35.68 -0.18 -28.23
CA HIS A 87 -34.73 -1.29 -28.10
C HIS A 87 -34.67 -2.12 -29.37
N ASN A 88 -35.84 -2.42 -29.96
CA ASN A 88 -35.86 -3.04 -31.28
C ASN A 88 -35.17 -2.15 -32.30
N LEU A 89 -35.33 -0.82 -32.14
CA LEU A 89 -34.70 0.12 -33.05
C LEU A 89 -33.18 0.13 -32.94
N SER A 90 -32.62 -0.25 -31.79
CA SER A 90 -31.19 -0.03 -31.54
C SER A 90 -30.30 -1.14 -32.10
N HIS A 91 -30.85 -2.09 -32.84
CA HIS A 91 -30.03 -3.17 -33.38
C HIS A 91 -29.46 -2.83 -34.75
N HIS A 92 -29.68 -1.61 -35.23
CA HIS A 92 -29.30 -1.21 -36.57
C HIS A 92 -28.54 0.10 -36.51
N ARG A 93 -27.52 0.22 -37.37
CA ARG A 93 -26.71 1.43 -37.42
C ARG A 93 -27.59 2.67 -37.59
N GLU A 94 -28.52 2.59 -38.53
CA GLU A 94 -29.37 3.72 -38.87
C GLU A 94 -30.58 3.86 -37.95
N GLY A 95 -30.83 2.85 -37.09
CA GLY A 95 -31.74 3.07 -35.97
C GLY A 95 -31.08 3.76 -34.80
N LEU A 96 -29.77 3.61 -34.66
CA LEU A 96 -29.04 4.35 -33.65
C LEU A 96 -28.94 5.83 -33.98
N LEU A 97 -28.84 6.17 -35.26
CA LEU A 97 -28.90 7.55 -35.70
C LEU A 97 -30.24 8.19 -35.33
N ALA A 98 -31.34 7.56 -35.74
CA ALA A 98 -32.67 8.12 -35.51
C ALA A 98 -32.92 8.36 -34.02
N ILE A 99 -32.52 7.41 -33.17
CA ILE A 99 -32.64 7.61 -31.74
C ILE A 99 -31.75 8.76 -31.28
N PHE A 100 -30.53 8.83 -31.83
CA PHE A 100 -29.59 9.87 -31.42
C PHE A 100 -30.10 11.25 -31.80
N LYS A 101 -30.44 11.45 -33.07
CA LYS A 101 -30.82 12.76 -33.58
C LYS A 101 -32.21 13.19 -33.16
N SER A 102 -32.97 12.33 -32.47
CA SER A 102 -34.28 12.69 -31.95
C SER A 102 -34.26 12.96 -30.44
N GLY A 103 -33.07 13.13 -29.86
CA GLY A 103 -32.98 13.37 -28.43
C GLY A 103 -33.37 12.18 -27.59
N GLY A 104 -33.07 10.96 -28.06
CA GLY A 104 -33.44 9.77 -27.31
C GLY A 104 -32.58 9.52 -26.10
N ILE A 105 -31.29 9.87 -26.18
CA ILE A 105 -30.39 9.62 -25.05
C ILE A 105 -30.82 10.37 -23.80
N PRO A 106 -31.16 11.66 -23.84
CA PRO A 106 -31.73 12.29 -22.64
C PRO A 106 -33.03 11.63 -22.18
N ALA A 107 -33.84 11.12 -23.10
CA ALA A 107 -35.06 10.44 -22.72
C ALA A 107 -34.76 9.10 -22.06
N LEU A 108 -33.85 8.32 -22.64
CA LEU A 108 -33.47 7.05 -22.05
C LEU A 108 -32.86 7.23 -20.67
N VAL A 109 -32.07 8.29 -20.49
CA VAL A 109 -31.47 8.56 -19.18
C VAL A 109 -32.55 8.90 -18.16
N LYS A 110 -33.62 9.58 -18.60
CA LYS A 110 -34.71 9.87 -17.67
C LYS A 110 -35.39 8.59 -17.19
N MET A 111 -35.55 7.62 -18.09
CA MET A 111 -36.23 6.38 -17.73
C MET A 111 -35.41 5.49 -16.80
N LEU A 112 -34.12 5.80 -16.60
CA LEU A 112 -33.35 5.07 -15.61
C LEU A 112 -33.83 5.35 -14.19
N GLY A 113 -34.71 6.33 -14.00
CA GLY A 113 -35.30 6.58 -12.70
C GLY A 113 -36.70 6.02 -12.57
N SER A 114 -37.05 5.04 -13.44
CA SER A 114 -38.37 4.44 -13.45
C SER A 114 -38.43 3.25 -12.50
N PRO A 115 -39.58 3.04 -11.84
CA PRO A 115 -39.65 1.98 -10.83
C PRO A 115 -40.15 0.65 -11.38
N VAL A 116 -40.13 0.51 -12.70
CA VAL A 116 -40.64 -0.68 -13.39
C VAL A 116 -39.49 -1.40 -14.08
N ASP A 117 -39.34 -2.69 -13.77
CA ASP A 117 -38.19 -3.46 -14.24
C ASP A 117 -38.19 -3.58 -15.76
N SER A 118 -39.36 -3.77 -16.37
CA SER A 118 -39.42 -3.93 -17.81
C SER A 118 -38.84 -2.71 -18.53
N VAL A 119 -39.30 -1.51 -18.15
CA VAL A 119 -38.81 -0.29 -18.78
C VAL A 119 -37.31 -0.12 -18.51
N LEU A 120 -36.88 -0.42 -17.29
CA LEU A 120 -35.46 -0.26 -16.95
C LEU A 120 -34.58 -1.11 -17.86
N PHE A 121 -34.98 -2.35 -18.13
CA PHE A 121 -34.19 -3.23 -18.97
C PHE A 121 -34.06 -2.67 -20.39
N TYR A 122 -35.18 -2.22 -20.97
CA TYR A 122 -35.14 -1.63 -22.30
C TYR A 122 -34.26 -0.40 -22.35
N ALA A 123 -34.35 0.46 -21.32
CA ALA A 123 -33.63 1.73 -21.34
C ALA A 123 -32.13 1.51 -21.23
N ILE A 124 -31.69 0.61 -20.33
CA ILE A 124 -30.26 0.40 -20.14
C ILE A 124 -29.67 -0.38 -21.31
N THR A 125 -30.46 -1.21 -21.98
CA THR A 125 -29.96 -1.97 -23.12
C THR A 125 -29.83 -1.09 -24.35
N THR A 126 -30.80 -0.21 -24.59
CA THR A 126 -30.69 0.74 -25.69
C THR A 126 -29.50 1.67 -25.49
N LEU A 127 -29.33 2.18 -24.27
CA LEU A 127 -28.16 3.01 -23.97
C LEU A 127 -26.87 2.23 -24.20
N HIS A 128 -26.84 0.96 -23.78
CA HIS A 128 -25.66 0.13 -23.99
C HIS A 128 -25.31 0.01 -25.47
N ASN A 129 -26.34 -0.18 -26.31
CA ASN A 129 -26.09 -0.29 -27.75
C ASN A 129 -25.57 1.01 -28.33
N LEU A 130 -26.18 2.13 -27.95
CA LEU A 130 -25.72 3.43 -28.42
C LEU A 130 -24.27 3.67 -28.02
N LEU A 131 -23.93 3.35 -26.77
CA LEU A 131 -22.56 3.55 -26.29
C LEU A 131 -21.56 2.69 -27.04
N LEU A 132 -22.01 1.55 -27.59
CA LEU A 132 -21.11 0.60 -28.23
C LEU A 132 -20.86 0.90 -29.70
N HIS A 133 -21.89 1.39 -30.42
CA HIS A 133 -21.81 1.52 -31.87
C HIS A 133 -22.07 2.92 -32.39
N GLN A 134 -22.55 3.84 -31.57
CA GLN A 134 -22.92 5.18 -32.02
C GLN A 134 -21.89 6.18 -31.49
N GLU A 135 -21.19 6.85 -32.41
CA GLU A 135 -20.19 7.83 -32.01
C GLU A 135 -20.87 9.15 -31.65
N GLY A 136 -20.38 9.75 -30.56
CA GLY A 136 -21.06 10.87 -29.93
C GLY A 136 -21.95 10.46 -28.78
N ALA A 137 -22.18 9.16 -28.59
CA ALA A 137 -23.08 8.70 -27.53
C ALA A 137 -22.45 8.85 -26.16
N LYS A 138 -21.14 8.60 -26.04
CA LYS A 138 -20.46 8.79 -24.78
C LYS A 138 -20.71 10.17 -24.20
N MET A 139 -20.43 11.20 -25.00
CA MET A 139 -20.61 12.58 -24.54
C MET A 139 -22.05 12.84 -24.15
N ALA A 140 -22.99 12.48 -25.04
CA ALA A 140 -24.41 12.77 -24.79
C ALA A 140 -24.89 12.16 -23.48
N VAL A 141 -24.56 10.89 -23.23
CA VAL A 141 -24.96 10.24 -21.99
C VAL A 141 -24.40 10.99 -20.79
N ARG A 142 -23.16 11.48 -20.91
CA ARG A 142 -22.55 12.22 -19.81
C ARG A 142 -23.29 13.54 -19.56
N LEU A 143 -23.59 14.29 -20.63
CA LEU A 143 -24.29 15.56 -20.46
C LEU A 143 -25.63 15.34 -19.76
N ALA A 144 -26.35 14.28 -20.12
CA ALA A 144 -27.68 14.02 -19.58
C ALA A 144 -27.65 13.54 -18.14
N GLY A 145 -26.48 13.29 -17.57
CA GLY A 145 -26.41 12.74 -16.24
C GLY A 145 -26.54 11.24 -16.18
N GLY A 146 -26.12 10.53 -17.24
CA GLY A 146 -26.30 9.10 -17.29
C GLY A 146 -25.49 8.36 -16.24
N LEU A 147 -24.27 8.83 -15.98
CA LEU A 147 -23.41 8.17 -15.00
C LEU A 147 -24.07 8.14 -13.63
N GLN A 148 -24.59 9.28 -13.17
CA GLN A 148 -25.25 9.33 -11.87
C GLN A 148 -26.45 8.40 -11.83
N LYS A 149 -27.23 8.36 -12.91
CA LYS A 149 -28.38 7.46 -12.95
C LYS A 149 -27.94 6.00 -12.95
N MET A 150 -26.81 5.69 -13.59
CA MET A 150 -26.37 4.31 -13.66
C MET A 150 -25.80 3.83 -12.34
N VAL A 151 -25.01 4.68 -11.67
CA VAL A 151 -24.46 4.32 -10.37
C VAL A 151 -25.59 4.04 -9.39
N ALA A 152 -26.66 4.84 -9.43
CA ALA A 152 -27.78 4.64 -8.53
C ALA A 152 -28.45 3.28 -8.75
N LEU A 153 -28.46 2.79 -9.99
CA LEU A 153 -29.08 1.51 -10.31
C LEU A 153 -28.27 0.31 -9.85
N LEU A 154 -27.03 0.51 -9.40
CA LEU A 154 -26.16 -0.61 -9.05
C LEU A 154 -26.59 -1.32 -7.78
N ASN A 155 -27.59 -0.81 -7.06
CA ASN A 155 -28.14 -1.50 -5.91
C ASN A 155 -29.25 -2.48 -6.28
N LYS A 156 -29.48 -2.71 -7.57
CA LYS A 156 -30.43 -3.70 -8.00
C LYS A 156 -29.82 -5.10 -7.89
N THR A 157 -30.67 -6.13 -8.00
CA THR A 157 -30.25 -7.49 -7.73
C THR A 157 -30.04 -8.33 -8.98
N ASN A 158 -30.74 -8.05 -10.08
CA ASN A 158 -30.70 -8.93 -11.24
C ASN A 158 -29.30 -8.94 -11.85
N VAL A 159 -28.70 -10.13 -11.90
CA VAL A 159 -27.30 -10.26 -12.29
C VAL A 159 -27.09 -9.69 -13.70
N LYS A 160 -27.95 -10.05 -14.64
CA LYS A 160 -27.73 -9.63 -16.02
C LYS A 160 -27.86 -8.12 -16.16
N PHE A 161 -28.78 -7.51 -15.42
CA PHE A 161 -28.93 -6.06 -15.46
C PHE A 161 -27.66 -5.37 -14.97
N LEU A 162 -27.04 -5.90 -13.92
CA LEU A 162 -25.85 -5.26 -13.37
C LEU A 162 -24.70 -5.30 -14.37
N ALA A 163 -24.57 -6.40 -15.12
CA ALA A 163 -23.45 -6.55 -16.05
C ALA A 163 -23.54 -5.53 -17.18
N ILE A 164 -24.74 -5.32 -17.70
CA ILE A 164 -24.98 -4.29 -18.71
C ILE A 164 -24.72 -2.90 -18.14
N THR A 165 -25.14 -2.65 -16.90
CA THR A 165 -24.91 -1.33 -16.32
C THR A 165 -23.42 -1.08 -16.09
N THR A 166 -22.69 -2.08 -15.59
CA THR A 166 -21.27 -1.89 -15.32
C THR A 166 -20.46 -1.78 -16.60
N ASP A 167 -20.84 -2.51 -17.66
CA ASP A 167 -20.14 -2.38 -18.93
C ASP A 167 -20.34 -1.00 -19.52
N CYS A 168 -21.53 -0.43 -19.33
CA CYS A 168 -21.78 0.94 -19.78
C CYS A 168 -20.88 1.93 -19.05
N LEU A 169 -20.60 1.67 -17.76
CA LEU A 169 -19.70 2.54 -17.03
C LEU A 169 -18.26 2.36 -17.49
N GLN A 170 -17.85 1.11 -17.71
CA GLN A 170 -16.57 0.82 -18.35
C GLN A 170 -16.37 1.64 -19.62
N ILE A 171 -17.40 1.70 -20.46
CA ILE A 171 -17.28 2.42 -21.73
C ILE A 171 -17.10 3.91 -21.47
N LEU A 172 -17.87 4.48 -20.53
CA LEU A 172 -17.86 5.92 -20.33
C LEU A 172 -16.66 6.39 -19.52
N ALA A 173 -16.10 5.54 -18.66
CA ALA A 173 -15.04 5.97 -17.75
C ALA A 173 -13.65 5.78 -18.31
N TYR A 174 -13.46 4.88 -19.28
CA TYR A 174 -12.13 4.58 -19.80
C TYR A 174 -11.44 5.82 -20.36
N GLY A 175 -10.38 6.27 -19.67
CA GLY A 175 -9.62 7.42 -20.11
C GLY A 175 -10.41 8.71 -20.12
N ASN A 176 -11.08 9.01 -19.01
CA ASN A 176 -11.93 10.20 -18.92
C ASN A 176 -12.06 10.55 -17.43
N GLN A 177 -11.26 11.51 -16.97
CA GLN A 177 -11.27 11.85 -15.55
C GLN A 177 -12.64 12.31 -15.08
N GLU A 178 -13.31 13.13 -15.89
CA GLU A 178 -14.62 13.66 -15.50
C GLU A 178 -15.59 12.54 -15.18
N SER A 179 -15.63 11.53 -16.04
CA SER A 179 -16.53 10.40 -15.79
C SER A 179 -16.13 9.64 -14.54
N LYS A 180 -14.82 9.45 -14.32
CA LYS A 180 -14.37 8.76 -13.13
C LYS A 180 -14.67 9.57 -11.87
N LEU A 181 -14.44 10.88 -11.90
CA LEU A 181 -14.75 11.71 -10.75
C LEU A 181 -16.26 11.76 -10.50
N ILE A 182 -17.06 11.73 -11.56
CA ILE A 182 -18.52 11.68 -11.39
C ILE A 182 -18.92 10.36 -10.76
N ILE A 183 -18.37 9.25 -11.24
CA ILE A 183 -18.63 7.95 -10.63
C ILE A 183 -18.15 7.95 -9.18
N LEU A 184 -17.03 8.62 -8.91
CA LEU A 184 -16.56 8.77 -7.54
C LEU A 184 -17.55 9.56 -6.70
N ALA A 185 -17.99 10.71 -7.22
CA ALA A 185 -18.91 11.56 -6.47
C ALA A 185 -20.29 10.92 -6.33
N SER A 186 -20.69 10.09 -7.29
CA SER A 186 -22.00 9.43 -7.24
C SER A 186 -22.03 8.24 -6.30
N GLY A 187 -20.91 7.89 -5.68
CA GLY A 187 -20.88 6.73 -4.81
C GLY A 187 -20.66 5.41 -5.52
N GLY A 188 -20.11 5.44 -6.73
CA GLY A 188 -19.80 4.25 -7.48
C GLY A 188 -18.89 3.25 -6.79
N PRO A 189 -17.78 3.71 -6.20
CA PRO A 189 -16.82 2.77 -5.58
C PRO A 189 -17.44 1.71 -4.68
N GLN A 190 -18.25 2.11 -3.68
CA GLN A 190 -18.81 1.13 -2.76
C GLN A 190 -19.79 0.20 -3.45
N ALA A 191 -20.52 0.70 -4.45
CA ALA A 191 -21.46 -0.16 -5.18
C ALA A 191 -20.72 -1.22 -5.98
N LEU A 192 -19.67 -0.80 -6.69
CA LEU A 192 -18.85 -1.77 -7.43
C LEU A 192 -18.19 -2.75 -6.48
N VAL A 193 -17.74 -2.27 -5.31
CA VAL A 193 -17.13 -3.16 -4.32
C VAL A 193 -18.15 -4.16 -3.81
N ASN A 194 -19.37 -3.69 -3.51
CA ASN A 194 -20.39 -4.58 -2.98
C ASN A 194 -20.81 -5.64 -4.00
N ILE A 195 -20.70 -5.35 -5.29
CA ILE A 195 -20.96 -6.36 -6.30
C ILE A 195 -19.90 -7.45 -6.22
N MET A 196 -18.65 -7.07 -5.96
CA MET A 196 -17.57 -8.06 -5.89
C MET A 196 -17.71 -8.96 -4.66
N ARG A 197 -18.21 -8.42 -3.54
CA ARG A 197 -18.49 -9.28 -2.39
C ARG A 197 -19.60 -10.26 -2.68
N THR A 198 -20.66 -9.80 -3.33
CA THR A 198 -21.96 -10.48 -3.30
C THR A 198 -22.09 -11.55 -4.38
N TYR A 199 -21.64 -11.27 -5.60
CA TYR A 199 -21.99 -12.11 -6.74
C TYR A 199 -20.84 -13.03 -7.13
N THR A 200 -21.19 -14.09 -7.86
CA THR A 200 -20.26 -15.06 -8.37
C THR A 200 -20.30 -15.22 -9.89
N TYR A 201 -21.27 -14.61 -10.56
CA TYR A 201 -21.34 -14.59 -12.02
C TYR A 201 -20.07 -13.97 -12.59
N GLU A 202 -19.28 -14.77 -13.32
CA GLU A 202 -17.98 -14.32 -13.78
C GLU A 202 -18.09 -13.07 -14.66
N LYS A 203 -19.01 -13.09 -15.63
CA LYS A 203 -19.10 -11.99 -16.60
C LYS A 203 -19.38 -10.66 -15.90
N LEU A 204 -20.24 -10.69 -14.87
CA LEU A 204 -20.48 -9.47 -14.09
C LEU A 204 -19.25 -9.10 -13.27
N LEU A 205 -18.62 -10.08 -12.63
CA LEU A 205 -17.44 -9.81 -11.81
C LEU A 205 -16.30 -9.25 -12.66
N TRP A 206 -16.07 -9.82 -13.84
CA TRP A 206 -15.02 -9.33 -14.72
C TRP A 206 -15.29 -7.88 -15.13
N THR A 207 -16.49 -7.62 -15.64
CA THR A 207 -16.86 -6.26 -16.03
C THR A 207 -16.70 -5.28 -14.88
N THR A 208 -17.17 -5.68 -13.69
CA THR A 208 -17.03 -4.83 -12.52
C THR A 208 -15.57 -4.57 -12.19
N SER A 209 -14.72 -5.61 -12.33
CA SER A 209 -13.29 -5.43 -12.08
C SER A 209 -12.67 -4.49 -13.10
N ARG A 210 -13.15 -4.51 -14.34
CA ARG A 210 -12.63 -3.59 -15.35
C ARG A 210 -12.90 -2.14 -14.96
N VAL A 211 -14.08 -1.86 -14.41
CA VAL A 211 -14.38 -0.51 -13.98
C VAL A 211 -13.52 -0.13 -12.76
N LEU A 212 -13.28 -1.09 -11.87
CA LEU A 212 -12.50 -0.80 -10.68
C LEU A 212 -11.03 -0.58 -11.03
N LYS A 213 -10.52 -1.30 -12.02
CA LYS A 213 -9.15 -1.06 -12.48
C LYS A 213 -9.00 0.33 -13.07
N VAL A 214 -9.94 0.71 -13.95
CA VAL A 214 -9.96 2.08 -14.50
C VAL A 214 -10.01 3.12 -13.39
N LEU A 215 -10.85 2.89 -12.38
CA LEU A 215 -10.95 3.87 -11.31
C LEU A 215 -9.72 3.87 -10.42
N SER A 216 -9.08 2.70 -10.23
CA SER A 216 -7.92 2.61 -9.36
C SER A 216 -6.70 3.33 -9.91
N VAL A 217 -6.63 3.54 -11.23
CA VAL A 217 -5.54 4.32 -11.79
C VAL A 217 -5.58 5.74 -11.28
N CYS A 218 -6.76 6.35 -11.26
CA CYS A 218 -6.95 7.69 -10.73
C CYS A 218 -6.76 7.66 -9.22
N SER A 219 -5.69 8.30 -8.72
CA SER A 219 -5.36 8.23 -7.30
C SER A 219 -6.41 8.88 -6.41
N SER A 220 -7.30 9.69 -6.97
CA SER A 220 -8.36 10.29 -6.17
C SER A 220 -9.40 9.26 -5.75
N ASN A 221 -9.62 8.24 -6.58
CA ASN A 221 -10.61 7.20 -6.30
C ASN A 221 -10.12 6.16 -5.31
N LYS A 222 -8.80 6.05 -5.11
CA LYS A 222 -8.28 4.95 -4.29
C LYS A 222 -8.83 4.93 -2.88
N PRO A 223 -8.87 6.03 -2.12
CA PRO A 223 -9.40 5.95 -0.75
C PRO A 223 -10.84 5.46 -0.71
N ALA A 224 -11.68 5.86 -1.67
CA ALA A 224 -13.07 5.43 -1.65
C ALA A 224 -13.21 3.93 -1.83
N ILE A 225 -12.40 3.34 -2.71
CA ILE A 225 -12.46 1.90 -2.94
C ILE A 225 -11.95 1.13 -1.72
N VAL A 226 -10.90 1.61 -1.12
CA VAL A 226 -10.30 1.00 0.02
C VAL A 226 -11.21 1.05 1.17
N GLU A 227 -11.77 2.19 1.40
CA GLU A 227 -12.69 2.35 2.47
C GLU A 227 -13.92 1.52 2.33
N ALA A 228 -14.42 1.34 1.14
CA ALA A 228 -15.53 0.48 0.96
C ALA A 228 -15.14 -0.93 1.24
N GLY A 229 -13.87 -1.21 1.29
CA GLY A 229 -13.45 -2.58 1.49
C GLY A 229 -13.10 -3.32 0.23
N GLY A 230 -12.57 -2.64 -0.80
CA GLY A 230 -12.31 -3.30 -2.07
C GLY A 230 -11.15 -4.26 -2.04
N MET A 231 -10.18 -4.03 -1.14
CA MET A 231 -9.05 -4.95 -1.03
C MET A 231 -9.50 -6.35 -0.65
N GLN A 232 -10.26 -6.46 0.45
CA GLN A 232 -10.77 -7.76 0.86
C GLN A 232 -11.74 -8.32 -0.17
N ALA A 233 -12.51 -7.46 -0.82
CA ALA A 233 -13.51 -7.94 -1.78
C ALA A 233 -12.85 -8.45 -3.06
N LEU A 234 -11.84 -7.73 -3.56
CA LEU A 234 -11.13 -8.21 -4.75
C LEU A 234 -10.30 -9.43 -4.45
N GLY A 235 -9.75 -9.53 -3.23
CA GLY A 235 -9.02 -10.72 -2.83
C GLY A 235 -9.87 -11.98 -2.81
N LEU A 236 -11.19 -11.84 -2.68
CA LEU A 236 -12.08 -12.99 -2.67
C LEU A 236 -11.96 -13.81 -3.94
N HIS A 237 -11.52 -13.19 -5.04
CA HIS A 237 -11.62 -13.78 -6.37
C HIS A 237 -10.28 -14.11 -6.99
N LEU A 238 -9.22 -14.21 -6.19
CA LEU A 238 -7.92 -14.61 -6.71
C LEU A 238 -7.76 -16.12 -6.86
N THR A 239 -8.80 -16.89 -6.50
CA THR A 239 -8.83 -18.35 -6.66
C THR A 239 -9.77 -18.78 -7.78
N ASP A 240 -10.59 -17.85 -8.26
CA ASP A 240 -11.44 -17.96 -9.45
C ASP A 240 -10.72 -18.56 -10.65
N PRO A 241 -11.38 -19.47 -11.36
CA PRO A 241 -10.79 -20.08 -12.57
C PRO A 241 -10.52 -19.10 -13.69
N SER A 242 -11.42 -18.14 -13.93
CA SER A 242 -11.21 -17.15 -14.97
C SER A 242 -9.98 -16.32 -14.67
N GLN A 243 -8.97 -16.39 -15.54
CA GLN A 243 -7.71 -15.75 -15.20
C GLN A 243 -7.73 -14.28 -15.59
N ARG A 244 -8.61 -13.91 -16.55
CA ARG A 244 -8.83 -12.49 -16.84
C ARG A 244 -9.47 -11.77 -15.67
N LEU A 245 -10.23 -12.49 -14.83
CA LEU A 245 -10.75 -11.89 -13.60
C LEU A 245 -9.64 -11.74 -12.57
N VAL A 246 -8.76 -12.74 -12.48
CA VAL A 246 -7.73 -12.72 -11.44
C VAL A 246 -6.72 -11.61 -11.68
N GLN A 247 -6.19 -11.51 -12.91
CA GLN A 247 -5.19 -10.48 -13.18
C GLN A 247 -5.79 -9.09 -13.17
N ASN A 248 -7.08 -8.96 -13.50
CA ASN A 248 -7.74 -7.67 -13.32
C ASN A 248 -7.84 -7.31 -11.84
N CYS A 249 -8.18 -8.30 -11.00
CA CYS A 249 -8.19 -8.07 -9.56
C CYS A 249 -6.78 -7.77 -9.05
N LEU A 250 -5.78 -8.51 -9.54
CA LEU A 250 -4.41 -8.31 -9.11
C LEU A 250 -3.90 -6.93 -9.51
N TRP A 251 -4.11 -6.55 -10.76
CA TRP A 251 -3.71 -5.21 -11.21
C TRP A 251 -4.35 -4.14 -10.36
N THR A 252 -5.67 -4.24 -10.18
CA THR A 252 -6.37 -3.25 -9.37
C THR A 252 -5.85 -3.26 -7.94
N LEU A 253 -5.54 -4.46 -7.42
CA LEU A 253 -5.04 -4.59 -6.06
C LEU A 253 -3.72 -3.86 -5.87
N ARG A 254 -2.80 -4.03 -6.82
CA ARG A 254 -1.51 -3.39 -6.76
C ARG A 254 -1.63 -1.87 -6.84
N ASN A 255 -2.56 -1.38 -7.61
CA ASN A 255 -2.74 0.02 -7.76
C ASN A 255 -3.27 0.65 -6.56
N LEU A 256 -3.95 -0.12 -5.78
CA LEU A 256 -4.61 0.31 -4.63
C LEU A 256 -3.87 0.12 -3.37
N SER A 257 -2.81 -0.67 -3.38
CA SER A 257 -2.11 -0.97 -2.16
C SER A 257 -1.40 0.11 -1.40
N ASP A 258 -1.01 1.21 -2.03
CA ASP A 258 -0.34 2.24 -1.26
C ASP A 258 -1.29 3.06 -0.44
N ALA A 259 -2.53 3.11 -0.87
CA ALA A 259 -3.50 3.78 -0.10
C ALA A 259 -4.00 2.73 0.84
N ALA A 260 -4.13 3.15 2.07
CA ALA A 260 -4.54 2.37 3.22
C ALA A 260 -3.82 1.07 3.55
N THR A 261 -2.99 1.22 4.53
CA THR A 261 -2.23 0.16 5.03
C THR A 261 -2.73 0.08 6.43
N LYS A 262 -3.96 0.53 6.65
CA LYS A 262 -4.56 0.63 7.98
C LYS A 262 -5.89 -0.12 8.02
N GLN A 263 -6.03 -1.12 7.16
CA GLN A 263 -7.24 -1.87 6.96
C GLN A 263 -7.21 -3.14 7.81
N GLU A 264 -8.34 -3.47 8.43
CA GLU A 264 -8.48 -4.72 9.16
C GLU A 264 -9.12 -5.76 8.24
N GLY A 265 -9.29 -6.97 8.77
CA GLY A 265 -9.95 -8.03 8.02
C GLY A 265 -9.20 -8.48 6.78
N MET A 266 -7.87 -8.51 6.84
CA MET A 266 -7.04 -8.79 5.68
C MET A 266 -6.39 -10.17 5.74
N GLU A 267 -6.76 -11.00 6.72
CA GLU A 267 -6.09 -12.29 6.92
C GLU A 267 -6.12 -13.14 5.65
N GLY A 268 -7.30 -13.25 5.03
CA GLY A 268 -7.42 -14.09 3.85
C GLY A 268 -6.70 -13.55 2.64
N LEU A 269 -6.75 -12.22 2.45
CA LEU A 269 -6.05 -11.62 1.32
C LEU A 269 -4.55 -11.81 1.44
N LEU A 270 -4.01 -11.61 2.65
CA LEU A 270 -2.57 -11.76 2.85
C LEU A 270 -2.14 -13.20 2.63
N GLY A 271 -2.89 -14.16 3.19
CA GLY A 271 -2.56 -15.56 2.99
C GLY A 271 -2.60 -15.96 1.52
N THR A 272 -3.59 -15.47 0.78
CA THR A 272 -3.68 -15.79 -0.64
C THR A 272 -2.52 -15.17 -1.42
N LEU A 273 -2.10 -13.96 -1.04
CA LEU A 273 -1.00 -13.30 -1.74
C LEU A 273 0.31 -14.06 -1.54
N VAL A 274 0.54 -14.58 -0.34
CA VAL A 274 1.73 -15.39 -0.09
C VAL A 274 1.70 -16.64 -0.96
N GLN A 275 0.53 -17.27 -1.07
CA GLN A 275 0.41 -18.45 -1.91
C GLN A 275 0.67 -18.12 -3.38
N LEU A 276 0.21 -16.95 -3.82
CA LEU A 276 0.40 -16.54 -5.22
C LEU A 276 1.87 -16.24 -5.54
N LEU A 277 2.74 -16.10 -4.54
CA LEU A 277 4.15 -15.93 -4.81
C LEU A 277 4.75 -17.16 -5.50
N GLY A 278 4.13 -18.32 -5.30
CA GLY A 278 4.60 -19.54 -5.92
C GLY A 278 3.90 -19.84 -7.24
N SER A 279 3.42 -18.80 -7.91
CA SER A 279 2.68 -18.97 -9.15
C SER A 279 3.62 -19.24 -10.32
N ASP A 280 3.17 -20.10 -11.24
CA ASP A 280 3.91 -20.30 -12.48
C ASP A 280 3.97 -19.02 -13.30
N ASP A 281 2.93 -18.21 -13.25
CA ASP A 281 2.89 -16.94 -13.97
C ASP A 281 3.78 -15.92 -13.26
N ILE A 282 4.67 -15.29 -14.02
CA ILE A 282 5.69 -14.43 -13.41
C ILE A 282 5.18 -13.02 -13.13
N ASN A 283 4.14 -12.55 -13.84
CA ASN A 283 3.53 -11.27 -13.50
C ASN A 283 2.60 -11.39 -12.30
N VAL A 284 2.12 -12.58 -12.00
CA VAL A 284 1.38 -12.80 -10.76
C VAL A 284 2.32 -12.72 -9.57
N VAL A 285 3.53 -13.26 -9.72
CA VAL A 285 4.55 -13.12 -8.67
C VAL A 285 4.88 -11.66 -8.44
N THR A 286 5.09 -10.90 -9.53
CA THR A 286 5.48 -9.51 -9.42
C THR A 286 4.42 -8.69 -8.72
N CYS A 287 3.15 -8.84 -9.14
CA CYS A 287 2.06 -8.12 -8.48
C CYS A 287 1.94 -8.51 -7.01
N ALA A 288 1.97 -9.81 -6.73
CA ALA A 288 1.81 -10.28 -5.35
C ALA A 288 2.91 -9.72 -4.45
N ALA A 289 4.14 -9.63 -4.97
CA ALA A 289 5.23 -9.07 -4.18
C ALA A 289 5.03 -7.58 -3.96
N GLY A 290 4.61 -6.86 -4.99
CA GLY A 290 4.39 -5.42 -4.85
C GLY A 290 3.26 -5.11 -3.88
N ILE A 291 2.21 -5.91 -3.90
CA ILE A 291 1.10 -5.70 -2.97
C ILE A 291 1.54 -5.99 -1.54
N LEU A 292 2.23 -7.12 -1.33
CA LEU A 292 2.69 -7.46 0.00
C LEU A 292 3.65 -6.42 0.55
N SER A 293 4.51 -5.87 -0.32
CA SER A 293 5.40 -4.79 0.10
C SER A 293 4.62 -3.61 0.67
N ASN A 294 3.61 -3.14 -0.08
CA ASN A 294 2.86 -1.97 0.38
C ASN A 294 2.02 -2.29 1.61
N LEU A 295 1.46 -3.50 1.68
CA LEU A 295 0.58 -3.85 2.80
C LEU A 295 1.36 -4.07 4.10
N THR A 296 2.66 -4.31 4.02
CA THR A 296 3.49 -4.53 5.19
C THR A 296 4.24 -3.28 5.63
N CYS A 297 4.12 -2.18 4.87
CA CYS A 297 5.01 -1.04 5.03
C CYS A 297 4.97 -0.47 6.45
N ASN A 298 3.78 -0.16 6.95
CA ASN A 298 3.60 0.57 8.19
C ASN A 298 2.76 -0.22 9.18
N ASN A 299 2.35 -1.43 8.82
CA ASN A 299 1.25 -2.14 9.47
C ASN A 299 1.80 -3.23 10.37
N TYR A 300 1.63 -3.05 11.69
CA TYR A 300 2.06 -4.07 12.63
C TYR A 300 1.33 -5.39 12.41
N LYS A 301 0.00 -5.32 12.24
CA LYS A 301 -0.79 -6.55 12.18
C LYS A 301 -0.55 -7.31 10.89
N ASN A 302 -0.47 -6.60 9.76
CA ASN A 302 -0.16 -7.27 8.50
C ASN A 302 1.18 -7.99 8.57
N LYS A 303 2.14 -7.41 9.29
CA LYS A 303 3.45 -8.05 9.44
C LYS A 303 3.33 -9.37 10.20
N MET A 304 2.68 -9.34 11.36
CA MET A 304 2.47 -10.57 12.12
C MET A 304 1.74 -11.62 11.30
N MET A 305 0.84 -11.18 10.40
CA MET A 305 -0.01 -12.10 9.66
C MET A 305 0.72 -12.70 8.46
N VAL A 306 1.55 -11.90 7.78
CA VAL A 306 2.32 -12.42 6.65
C VAL A 306 3.32 -13.46 7.14
N CYS A 307 3.99 -13.19 8.27
CA CYS A 307 4.90 -14.17 8.84
C CYS A 307 4.17 -15.44 9.25
N GLN A 308 2.97 -15.29 9.83
CA GLN A 308 2.25 -16.45 10.35
C GLN A 308 1.89 -17.45 9.25
N VAL A 309 1.71 -16.97 8.02
CA VAL A 309 1.34 -17.84 6.90
C VAL A 309 2.56 -18.20 6.05
N GLY A 310 3.77 -18.05 6.59
CA GLY A 310 4.97 -18.40 5.86
C GLY A 310 5.40 -17.40 4.82
N GLY A 311 5.18 -16.11 5.07
CA GLY A 311 5.53 -15.10 4.08
C GLY A 311 7.03 -14.96 3.88
N ILE A 312 7.80 -15.07 4.97
CA ILE A 312 9.26 -14.94 4.86
C ILE A 312 9.80 -16.02 3.95
N GLU A 313 9.38 -17.26 4.15
CA GLU A 313 9.84 -18.37 3.33
C GLU A 313 9.50 -18.16 1.86
N ALA A 314 8.27 -17.69 1.59
CA ALA A 314 7.85 -17.50 0.21
C ALA A 314 8.57 -16.33 -0.44
N LEU A 315 8.82 -15.26 0.32
CA LEU A 315 9.50 -14.10 -0.25
C LEU A 315 10.97 -14.39 -0.53
N VAL A 316 11.61 -15.21 0.32
CA VAL A 316 12.99 -15.61 0.06
C VAL A 316 13.07 -16.47 -1.20
N ARG A 317 12.13 -17.41 -1.35
CA ARG A 317 12.07 -18.19 -2.58
C ARG A 317 11.75 -17.31 -3.78
N THR A 318 10.96 -16.26 -3.58
CA THR A 318 10.68 -15.32 -4.65
C THR A 318 11.95 -14.62 -5.11
N VAL A 319 12.82 -14.24 -4.17
CA VAL A 319 14.06 -13.56 -4.52
C VAL A 319 15.02 -14.50 -5.23
N LEU A 320 15.17 -15.73 -4.72
CA LEU A 320 16.02 -16.71 -5.38
C LEU A 320 15.57 -16.95 -6.82
N ARG A 321 14.26 -17.11 -7.02
CA ARG A 321 13.74 -17.39 -8.35
C ARG A 321 13.90 -16.19 -9.28
N ALA A 322 13.94 -14.98 -8.73
CA ALA A 322 13.91 -13.78 -9.56
C ALA A 322 15.23 -13.56 -10.29
N GLY A 323 16.35 -13.84 -9.64
CA GLY A 323 17.65 -13.54 -10.24
C GLY A 323 17.89 -12.05 -10.36
N ASP A 324 18.14 -11.58 -11.59
CA ASP A 324 18.41 -10.17 -11.83
C ASP A 324 17.17 -9.36 -12.19
N ARG A 325 15.97 -9.93 -12.03
CA ARG A 325 14.74 -9.23 -12.36
C ARG A 325 14.37 -8.31 -11.20
N GLU A 326 14.71 -7.03 -11.33
CA GLU A 326 14.50 -6.09 -10.23
C GLU A 326 13.04 -5.70 -10.05
N ASP A 327 12.17 -5.97 -11.03
CA ASP A 327 10.75 -5.78 -10.81
C ASP A 327 10.19 -6.76 -9.78
N ILE A 328 10.91 -7.85 -9.52
CA ILE A 328 10.52 -8.83 -8.52
C ILE A 328 11.32 -8.64 -7.23
N THR A 329 12.64 -8.53 -7.34
CA THR A 329 13.47 -8.47 -6.14
C THR A 329 13.22 -7.20 -5.34
N GLU A 330 13.09 -6.06 -6.02
CA GLU A 330 12.87 -4.80 -5.29
C GLU A 330 11.64 -4.84 -4.40
N PRO A 331 10.44 -5.20 -4.88
CA PRO A 331 9.31 -5.29 -3.93
C PRO A 331 9.48 -6.42 -2.93
N ALA A 332 10.05 -7.56 -3.35
CA ALA A 332 10.20 -8.69 -2.44
C ALA A 332 11.20 -8.36 -1.33
N ILE A 333 12.29 -7.68 -1.66
CA ILE A 333 13.24 -7.27 -0.63
C ILE A 333 12.61 -6.24 0.29
N CYS A 334 11.82 -5.31 -0.25
CA CYS A 334 11.13 -4.33 0.58
C CYS A 334 10.17 -5.01 1.55
N ALA A 335 9.39 -5.97 1.05
CA ALA A 335 8.50 -6.73 1.93
C ALA A 335 9.30 -7.43 3.03
N LEU A 336 10.47 -7.98 2.68
CA LEU A 336 11.31 -8.62 3.67
C LEU A 336 11.91 -7.60 4.65
N ARG A 337 12.20 -6.38 4.18
CA ARG A 337 12.61 -5.29 5.06
C ARG A 337 11.57 -5.06 6.16
N HIS A 338 10.34 -4.79 5.75
CA HIS A 338 9.26 -4.48 6.71
C HIS A 338 9.08 -5.60 7.73
N LEU A 339 9.11 -6.85 7.26
CA LEU A 339 8.79 -7.99 8.10
C LEU A 339 9.89 -8.36 9.08
N THR A 340 11.08 -7.75 8.98
CA THR A 340 12.18 -8.06 9.86
C THR A 340 12.49 -6.94 10.84
N SER A 341 11.51 -6.06 11.11
CA SER A 341 11.71 -5.00 12.08
C SER A 341 10.37 -4.56 12.65
N ARG A 342 10.38 -4.23 13.95
CA ARG A 342 9.29 -3.49 14.60
C ARG A 342 7.99 -4.29 14.62
N HIS A 343 8.07 -5.56 15.01
CA HIS A 343 6.90 -6.34 15.39
C HIS A 343 7.39 -7.54 16.20
N GLN A 344 6.43 -8.29 16.75
CA GLN A 344 6.74 -9.32 17.74
C GLN A 344 7.47 -10.50 17.12
N GLU A 345 7.28 -10.72 15.83
CA GLU A 345 7.83 -11.85 15.09
C GLU A 345 9.02 -11.45 14.23
N ALA A 346 9.55 -10.24 14.44
CA ALA A 346 10.74 -9.78 13.72
C ALA A 346 11.96 -10.65 14.03
N GLU A 347 12.09 -11.11 15.27
CA GLU A 347 13.23 -11.95 15.63
C GLU A 347 13.17 -13.30 14.92
N MET A 348 11.96 -13.83 14.71
CA MET A 348 11.81 -15.02 13.88
C MET A 348 12.18 -14.72 12.43
N ALA A 349 11.60 -13.66 11.87
CA ALA A 349 11.82 -13.34 10.46
C ALA A 349 13.30 -13.15 10.13
N GLN A 350 14.05 -12.54 11.04
CA GLN A 350 15.49 -12.38 10.83
C GLN A 350 16.18 -13.73 10.72
N ASN A 351 15.79 -14.68 11.58
CA ASN A 351 16.39 -16.01 11.53
C ASN A 351 15.91 -16.79 10.32
N ALA A 352 14.63 -16.65 9.97
CA ALA A 352 14.06 -17.43 8.87
C ALA A 352 14.75 -17.12 7.54
N VAL A 353 15.19 -15.87 7.35
CA VAL A 353 15.91 -15.53 6.13
C VAL A 353 17.19 -16.36 6.03
N ARG A 354 17.93 -16.46 7.13
CA ARG A 354 19.16 -17.26 7.12
C ARG A 354 18.85 -18.75 7.00
N LEU A 355 17.86 -19.23 7.75
CA LEU A 355 17.56 -20.66 7.76
C LEU A 355 17.02 -21.15 6.43
N HIS A 356 16.46 -20.26 5.60
CA HIS A 356 16.05 -20.61 4.25
C HIS A 356 17.03 -20.07 3.21
N TYR A 357 18.30 -19.92 3.62
CA TYR A 357 19.42 -19.70 2.70
C TYR A 357 19.30 -18.39 1.92
N GLY A 358 18.84 -17.35 2.61
CA GLY A 358 18.65 -16.06 1.97
C GLY A 358 19.84 -15.13 2.10
N LEU A 359 20.70 -15.35 3.09
CA LEU A 359 21.81 -14.44 3.34
C LEU A 359 22.74 -14.28 2.15
N PRO A 360 23.19 -15.34 1.45
CA PRO A 360 24.08 -15.11 0.29
C PRO A 360 23.43 -14.27 -0.81
N VAL A 361 22.21 -14.60 -1.22
CA VAL A 361 21.59 -13.87 -2.32
C VAL A 361 21.28 -12.44 -1.91
N VAL A 362 20.98 -12.20 -0.64
CA VAL A 362 20.73 -10.83 -0.19
C VAL A 362 21.98 -9.98 -0.33
N VAL A 363 23.15 -10.59 -0.09
CA VAL A 363 24.38 -9.82 -0.17
C VAL A 363 24.77 -9.52 -1.62
N LYS A 364 24.51 -10.43 -2.57
CA LYS A 364 24.96 -10.09 -3.92
C LYS A 364 24.01 -9.10 -4.60
N LEU A 365 22.79 -8.93 -4.09
CA LEU A 365 21.96 -7.84 -4.59
C LEU A 365 22.58 -6.49 -4.32
N LEU A 366 23.61 -6.48 -3.53
CA LEU A 366 24.32 -5.29 -3.21
C LEU A 366 25.28 -4.90 -4.30
N HIS A 367 25.70 -5.87 -5.08
CA HIS A 367 26.63 -5.70 -6.18
C HIS A 367 25.92 -5.48 -7.47
N PRO A 368 26.64 -5.13 -8.47
CA PRO A 368 26.05 -4.89 -9.77
C PRO A 368 25.51 -6.14 -10.38
N PRO A 369 24.50 -6.00 -11.17
CA PRO A 369 24.04 -4.78 -11.77
C PRO A 369 22.82 -4.22 -11.13
N SER A 370 22.69 -4.32 -9.83
CA SER A 370 21.53 -3.76 -9.22
C SER A 370 21.49 -2.28 -9.28
N HIS A 371 20.34 -1.72 -9.40
CA HIS A 371 20.17 -0.28 -9.39
C HIS A 371 19.97 0.23 -7.97
N TRP A 372 20.07 1.56 -7.82
CA TRP A 372 20.03 2.16 -6.49
C TRP A 372 18.79 1.81 -5.67
N PRO A 373 17.57 1.80 -6.19
CA PRO A 373 16.42 1.45 -5.32
C PRO A 373 16.54 0.07 -4.71
N LEU A 374 16.91 -0.94 -5.49
CA LEU A 374 17.11 -2.27 -4.94
C LEU A 374 18.25 -2.27 -3.93
N ILE A 375 19.32 -1.51 -4.21
CA ILE A 375 20.44 -1.44 -3.28
C ILE A 375 20.02 -0.79 -1.96
N LYS A 376 19.27 0.31 -2.05
CA LYS A 376 18.78 0.96 -0.83
C LYS A 376 17.90 0.00 -0.02
N ALA A 377 16.98 -0.69 -0.69
CA ALA A 377 16.12 -1.64 0.02
C ALA A 377 16.92 -2.79 0.61
N THR A 378 17.92 -3.29 -0.15
CA THR A 378 18.74 -4.38 0.34
C THR A 378 19.57 -3.97 1.54
N VAL A 379 20.13 -2.76 1.52
CA VAL A 379 20.88 -2.26 2.67
C VAL A 379 19.97 -2.19 3.89
N GLY A 380 18.75 -1.69 3.72
CA GLY A 380 17.82 -1.63 4.83
C GLY A 380 17.47 -3.02 5.37
N LEU A 381 17.35 -4.00 4.47
CA LEU A 381 17.08 -5.37 4.92
C LEU A 381 18.27 -5.93 5.69
N ILE A 382 19.49 -5.70 5.20
CA ILE A 382 20.68 -6.20 5.89
C ILE A 382 20.79 -5.60 7.29
N ARG A 383 20.48 -4.30 7.41
CA ARG A 383 20.48 -3.67 8.73
C ARG A 383 19.52 -4.40 9.68
N ASN A 384 18.35 -4.80 9.18
CA ASN A 384 17.40 -5.51 10.02
C ASN A 384 17.88 -6.91 10.37
N LEU A 385 18.47 -7.61 9.39
CA LEU A 385 18.98 -8.95 9.65
C LEU A 385 20.12 -8.93 10.67
N ALA A 386 20.94 -7.87 10.64
CA ALA A 386 22.05 -7.75 11.57
C ALA A 386 21.57 -7.63 13.01
N LEU A 387 20.31 -7.26 13.23
CA LEU A 387 19.77 -7.20 14.58
C LEU A 387 19.76 -8.57 15.26
N CYS A 388 19.84 -9.65 14.48
CA CYS A 388 19.89 -10.99 15.03
C CYS A 388 21.34 -11.42 15.19
N PRO A 389 21.80 -11.70 16.42
CA PRO A 389 23.23 -12.04 16.60
C PRO A 389 23.67 -13.25 15.81
N ALA A 390 22.75 -14.18 15.51
CA ALA A 390 23.11 -15.34 14.71
C ALA A 390 23.43 -14.97 13.27
N ASN A 391 23.09 -13.76 12.83
CA ASN A 391 23.38 -13.31 11.48
C ASN A 391 24.68 -12.53 11.37
N HIS A 392 25.29 -12.16 12.51
CA HIS A 392 26.48 -11.31 12.47
C HIS A 392 27.62 -12.00 11.71
N ALA A 393 28.00 -13.21 12.14
CA ALA A 393 29.09 -13.91 11.46
C ALA A 393 28.73 -14.29 10.03
N PRO A 394 27.56 -14.89 9.73
CA PRO A 394 27.29 -15.25 8.33
C PRO A 394 27.25 -14.06 7.39
N LEU A 395 26.72 -12.92 7.83
CA LEU A 395 26.77 -11.72 7.00
C LEU A 395 28.22 -11.29 6.79
N ARG A 396 29.05 -11.40 7.83
CA ARG A 396 30.48 -11.13 7.68
C ARG A 396 31.11 -12.09 6.67
N GLU A 397 30.83 -13.38 6.81
CA GLU A 397 31.43 -14.38 5.94
C GLU A 397 30.96 -14.26 4.49
N GLN A 398 29.88 -13.54 4.24
CA GLN A 398 29.39 -13.33 2.88
C GLN A 398 29.99 -12.09 2.21
N GLY A 399 30.87 -11.37 2.91
CA GLY A 399 31.47 -10.18 2.35
C GLY A 399 30.58 -8.95 2.41
N ALA A 400 29.67 -8.89 3.37
CA ALA A 400 28.74 -7.77 3.45
C ALA A 400 29.44 -6.49 3.90
N ILE A 401 30.34 -6.60 4.87
CA ILE A 401 30.98 -5.40 5.43
C ILE A 401 31.74 -4.61 4.38
N PRO A 402 32.67 -5.20 3.62
CA PRO A 402 33.39 -4.39 2.61
C PRO A 402 32.49 -3.84 1.53
N ARG A 403 31.43 -4.56 1.15
CA ARG A 403 30.51 -4.04 0.13
C ARG A 403 29.70 -2.86 0.68
N LEU A 404 29.31 -2.93 1.96
CA LEU A 404 28.62 -1.80 2.57
C LEU A 404 29.53 -0.58 2.62
N VAL A 405 30.82 -0.79 2.89
CA VAL A 405 31.77 0.33 2.89
C VAL A 405 31.93 0.89 1.49
N GLN A 406 31.95 0.01 0.48
CA GLN A 406 32.03 0.46 -0.91
C GLN A 406 30.88 1.41 -1.24
N LEU A 407 29.65 0.99 -0.93
CA LEU A 407 28.49 1.84 -1.20
C LEU A 407 28.51 3.10 -0.35
N LEU A 408 28.92 2.98 0.91
CA LEU A 408 29.00 4.15 1.77
C LEU A 408 30.01 5.17 1.25
N VAL A 409 31.18 4.69 0.83
CA VAL A 409 32.22 5.58 0.33
C VAL A 409 31.75 6.29 -0.93
N ARG A 410 31.20 5.54 -1.88
CA ARG A 410 30.76 6.12 -3.14
C ARG A 410 29.63 7.12 -2.93
N ALA A 411 28.75 6.88 -1.96
CA ALA A 411 27.64 7.77 -1.71
C ALA A 411 28.08 9.03 -0.95
N HIS A 412 28.97 8.87 0.03
CA HIS A 412 29.47 10.03 0.75
C HIS A 412 30.27 10.94 -0.17
N GLN A 413 31.21 10.37 -0.92
CA GLN A 413 32.02 11.17 -1.83
C GLN A 413 31.21 11.77 -2.96
N ASP A 414 30.00 11.25 -3.20
CA ASP A 414 29.11 11.88 -4.15
C ASP A 414 28.39 13.07 -3.54
N THR A 415 28.00 12.96 -2.27
CA THR A 415 27.39 14.10 -1.60
C THR A 415 28.39 15.25 -1.48
N GLN A 416 29.64 14.94 -1.16
CA GLN A 416 30.65 15.98 -0.94
C GLN A 416 30.83 16.85 -2.17
N ARG A 417 30.88 16.26 -3.37
CA ARG A 417 31.10 17.06 -4.57
C ARG A 417 29.93 17.97 -4.87
N ARG A 418 28.79 17.79 -4.19
CA ARG A 418 27.66 18.68 -4.33
C ARG A 418 27.46 19.58 -3.12
N THR A 419 27.98 19.22 -1.96
CA THR A 419 28.04 20.18 -0.84
C THR A 419 29.16 21.17 -1.11
N SER A 420 28.92 22.42 -0.76
CA SER A 420 29.97 23.44 -0.82
C SER A 420 29.88 24.29 0.43
N MET A 421 29.29 25.47 0.29
CA MET A 421 28.88 26.28 1.42
C MET A 421 27.51 26.88 1.22
N GLY A 422 26.83 26.56 0.13
CA GLY A 422 25.44 26.94 -0.06
C GLY A 422 24.55 25.76 0.25
N GLY A 423 25.18 24.81 0.93
CA GLY A 423 24.56 23.58 1.33
C GLY A 423 25.01 22.49 0.40
N THR A 424 24.13 21.54 0.15
CA THR A 424 24.42 20.46 -0.75
C THR A 424 23.34 20.42 -1.84
N GLN A 425 23.71 20.42 -3.09
CA GLN A 425 22.73 20.38 -4.14
C GLN A 425 21.95 19.08 -4.05
N GLN A 426 20.81 19.14 -3.43
CA GLN A 426 20.01 17.94 -3.28
C GLN A 426 19.57 17.39 -4.61
N GLN A 427 19.89 16.13 -4.88
CA GLN A 427 19.53 15.51 -6.10
C GLN A 427 19.18 14.04 -5.93
N PHE A 428 18.55 13.46 -6.93
CA PHE A 428 18.16 12.07 -6.93
C PHE A 428 18.81 11.34 -8.06
N VAL A 429 19.28 10.13 -7.84
CA VAL A 429 19.88 9.31 -8.87
C VAL A 429 19.15 8.02 -8.89
N GLU A 430 18.49 7.72 -9.98
CA GLU A 430 17.65 6.54 -10.19
C GLU A 430 16.54 6.45 -9.14
N GLY A 431 16.00 7.61 -8.78
CA GLY A 431 15.00 7.77 -7.78
C GLY A 431 15.52 7.77 -6.39
N VAL A 432 16.81 7.71 -6.16
CA VAL A 432 17.31 7.64 -4.81
C VAL A 432 18.21 8.81 -4.50
N ARG A 433 18.28 9.22 -3.26
CA ARG A 433 19.17 10.24 -2.86
C ARG A 433 20.30 9.61 -2.16
N MET A 434 21.51 9.93 -2.56
CA MET A 434 22.68 9.35 -1.98
C MET A 434 22.79 9.49 -0.51
N GLU A 435 22.21 10.54 0.02
CA GLU A 435 22.21 10.65 1.48
C GLU A 435 21.52 9.46 2.13
N GLU A 436 20.50 8.91 1.47
CA GLU A 436 19.85 7.70 2.00
C GLU A 436 20.84 6.54 2.06
N ILE A 437 21.72 6.42 1.06
CA ILE A 437 22.69 5.34 1.04
C ILE A 437 23.69 5.50 2.17
N VAL A 438 24.17 6.73 2.39
CA VAL A 438 25.04 6.99 3.54
C VAL A 438 24.35 6.58 4.83
N GLU A 439 23.07 6.91 4.95
CA GLU A 439 22.33 6.71 6.17
C GLU A 439 22.13 5.23 6.48
N GLY A 440 21.65 4.47 5.49
CA GLY A 440 21.40 3.06 5.70
C GLY A 440 22.67 2.25 5.84
N CYS A 441 23.70 2.55 5.05
CA CYS A 441 24.94 1.80 5.10
C CYS A 441 25.62 1.97 6.46
N THR A 442 25.74 3.21 6.93
CA THR A 442 26.34 3.44 8.23
C THR A 442 25.45 2.90 9.34
N GLY A 443 24.12 2.95 9.16
CA GLY A 443 23.24 2.29 10.10
C GLY A 443 23.43 0.78 10.12
N ALA A 444 23.59 0.18 8.94
CA ALA A 444 23.86 -1.26 8.88
C ALA A 444 25.18 -1.60 9.56
N LEU A 445 26.24 -0.83 9.26
CA LEU A 445 27.51 -1.05 9.93
C LEU A 445 27.42 -0.76 11.43
N HIS A 446 26.49 0.11 11.82
CA HIS A 446 26.27 0.38 13.24
C HIS A 446 25.80 -0.87 13.98
N ILE A 447 24.80 -1.56 13.42
CA ILE A 447 24.30 -2.78 14.05
C ILE A 447 25.32 -3.90 13.94
N LEU A 448 26.03 -3.97 12.80
CA LEU A 448 27.02 -5.03 12.61
C LEU A 448 28.20 -4.88 13.57
N ALA A 449 28.49 -3.65 14.02
CA ALA A 449 29.60 -3.42 14.92
C ALA A 449 29.38 -3.99 16.32
N ARG A 450 28.17 -4.48 16.61
CA ARG A 450 27.91 -5.10 17.91
C ARG A 450 28.74 -6.35 18.15
N ASP A 451 29.35 -6.90 17.10
CA ASP A 451 30.16 -8.12 17.17
C ASP A 451 31.64 -7.77 17.06
N VAL A 452 32.49 -8.43 17.85
CA VAL A 452 33.88 -8.01 17.95
C VAL A 452 34.64 -8.26 16.65
N HIS A 453 34.36 -9.40 16.00
CA HIS A 453 35.05 -9.71 14.75
C HIS A 453 34.69 -8.71 13.67
N ASN A 454 33.45 -8.25 13.64
CA ASN A 454 33.04 -7.25 12.66
C ASN A 454 33.79 -5.94 12.87
N ARG A 455 33.97 -5.53 14.14
CA ARG A 455 34.70 -4.31 14.43
C ARG A 455 36.12 -4.37 13.88
N ILE A 456 36.79 -5.52 14.04
CA ILE A 456 38.12 -5.70 13.47
C ILE A 456 38.08 -5.55 11.96
N VAL A 457 37.05 -6.12 11.32
CA VAL A 457 36.93 -6.03 9.87
C VAL A 457 36.67 -4.59 9.44
N ILE A 458 35.87 -3.85 10.22
CA ILE A 458 35.46 -2.51 9.86
C ILE A 458 36.64 -1.55 9.85
N ARG A 459 37.18 -1.23 11.04
CA ARG A 459 38.47 -0.53 11.11
C ARG A 459 39.55 -1.04 10.13
N GLY A 460 39.66 -2.35 9.94
CA GLY A 460 40.61 -2.91 9.00
C GLY A 460 40.51 -2.32 7.60
N LEU A 461 39.37 -1.70 7.30
CA LEU A 461 39.14 -1.06 6.01
C LEU A 461 39.37 0.45 6.03
N ASN A 462 40.03 0.96 7.08
CA ASN A 462 40.34 2.38 7.20
C ASN A 462 39.07 3.23 7.11
N THR A 463 38.09 2.90 7.95
CA THR A 463 36.79 3.56 7.94
C THR A 463 36.64 4.60 9.03
N ILE A 464 37.42 4.52 10.10
CA ILE A 464 37.30 5.49 11.20
C ILE A 464 37.38 6.93 10.70
N PRO A 465 38.32 7.31 9.82
CA PRO A 465 38.26 8.69 9.28
C PRO A 465 36.97 8.99 8.55
N LEU A 466 36.47 8.03 7.76
CA LEU A 466 35.22 8.26 7.03
C LEU A 466 34.06 8.54 7.98
N PHE A 467 33.99 7.81 9.09
CA PHE A 467 32.91 8.02 10.04
C PHE A 467 33.07 9.35 10.77
N VAL A 468 34.31 9.73 11.09
CA VAL A 468 34.55 11.02 11.72
C VAL A 468 34.08 12.15 10.83
N GLN A 469 34.31 12.03 9.52
CA GLN A 469 33.81 13.03 8.58
C GLN A 469 32.30 13.16 8.66
N LEU A 470 31.59 12.04 8.83
CA LEU A 470 30.13 12.05 8.83
C LEU A 470 29.54 12.73 10.06
N LEU A 471 30.35 13.01 11.08
CA LEU A 471 29.86 13.72 12.25
C LEU A 471 29.49 15.16 11.90
N TYR A 472 30.23 15.79 11.00
CA TYR A 472 29.94 17.14 10.57
C TYR A 472 28.78 17.23 9.59
N SER A 473 28.25 16.08 9.16
CA SER A 473 27.16 16.10 8.19
C SER A 473 25.95 16.83 8.77
N PRO A 474 25.22 17.60 7.95
CA PRO A 474 24.06 18.32 8.47
C PRO A 474 22.79 17.48 8.56
N ILE A 475 22.78 16.27 8.01
CA ILE A 475 21.64 15.39 8.20
C ILE A 475 21.60 14.92 9.65
N GLU A 476 20.39 14.84 10.21
CA GLU A 476 20.25 14.45 11.61
C GLU A 476 20.57 12.97 11.80
N ASN A 477 19.90 12.09 11.04
CA ASN A 477 20.08 10.66 11.24
C ASN A 477 21.46 10.17 10.80
N ILE A 478 22.19 10.97 10.01
CA ILE A 478 23.55 10.58 9.67
C ILE A 478 24.49 10.83 10.84
N GLN A 479 24.26 11.92 11.58
CA GLN A 479 24.95 12.11 12.86
C GLN A 479 24.63 10.98 13.82
N ARG A 480 23.36 10.60 13.89
CA ARG A 480 22.90 9.44 14.65
C ARG A 480 23.78 8.22 14.44
N VAL A 481 23.86 7.77 13.18
CA VAL A 481 24.46 6.48 12.90
C VAL A 481 25.98 6.57 12.89
N ALA A 482 26.54 7.74 12.56
CA ALA A 482 27.98 7.92 12.61
C ALA A 482 28.48 7.88 14.04
N ALA A 483 27.84 8.66 14.93
CA ALA A 483 28.19 8.60 16.35
C ALA A 483 27.94 7.21 16.92
N GLY A 484 26.90 6.52 16.43
CA GLY A 484 26.58 5.21 16.96
C GLY A 484 27.64 4.17 16.63
N VAL A 485 28.14 4.18 15.39
CA VAL A 485 29.13 3.18 15.01
C VAL A 485 30.50 3.49 15.63
N LEU A 486 30.83 4.78 15.81
CA LEU A 486 32.06 5.13 16.51
C LEU A 486 32.01 4.70 17.96
N CYS A 487 30.82 4.75 18.57
CA CYS A 487 30.66 4.23 19.93
C CYS A 487 31.12 2.79 20.01
N GLU A 488 30.44 1.89 19.27
CA GLU A 488 30.75 0.47 19.32
C GLU A 488 32.24 0.20 19.10
N LEU A 489 32.86 0.92 18.17
CA LEU A 489 34.29 0.75 17.94
C LEU A 489 35.11 1.12 19.17
N ALA A 490 34.69 2.17 19.89
CA ALA A 490 35.50 2.71 20.98
C ALA A 490 35.64 1.73 22.13
N GLN A 491 34.66 0.84 22.33
CA GLN A 491 34.75 -0.15 23.43
C GLN A 491 35.88 -1.17 23.24
N ASP A 492 36.78 -0.95 22.29
CA ASP A 492 38.06 -1.64 22.20
C ASP A 492 39.15 -0.59 22.30
N LYS A 493 40.06 -0.78 23.26
CA LYS A 493 41.03 0.26 23.60
C LYS A 493 41.82 0.73 22.38
N GLU A 494 42.41 -0.21 21.64
CA GLU A 494 43.25 0.15 20.51
C GLU A 494 42.47 0.82 19.39
N ALA A 495 41.16 0.57 19.29
CA ALA A 495 40.34 1.42 18.45
C ALA A 495 40.35 2.83 19.03
N ALA A 496 39.65 3.02 20.15
CA ALA A 496 39.46 4.29 20.84
C ALA A 496 40.59 5.29 20.63
N GLU A 497 41.82 4.79 20.58
CA GLU A 497 42.98 5.61 20.26
C GLU A 497 42.85 6.23 18.87
N ALA A 498 42.60 5.40 17.86
CA ALA A 498 42.66 5.85 16.48
C ALA A 498 41.64 6.92 16.17
N ILE A 499 40.54 6.96 16.93
CA ILE A 499 39.47 7.91 16.62
C ILE A 499 39.83 9.30 17.14
N GLU A 500 40.44 9.35 18.34
CA GLU A 500 40.95 10.60 18.88
C GLU A 500 42.01 11.20 17.96
N ALA A 501 42.87 10.36 17.40
CA ALA A 501 43.93 10.86 16.52
C ALA A 501 43.36 11.58 15.30
N GLU A 502 42.19 11.14 14.81
CA GLU A 502 41.59 11.77 13.65
C GLU A 502 40.95 13.11 13.97
N GLY A 503 40.59 13.35 15.22
CA GLY A 503 40.08 14.65 15.64
C GLY A 503 38.59 14.68 15.92
N ALA A 504 38.09 13.66 16.62
CA ALA A 504 36.67 13.53 16.89
C ALA A 504 36.22 14.31 18.12
N THR A 505 37.15 14.78 18.96
CA THR A 505 36.78 15.38 20.24
C THR A 505 35.87 16.59 20.06
N ALA A 506 36.21 17.48 19.11
CA ALA A 506 35.50 18.75 19.01
C ALA A 506 34.04 18.56 18.57
N PRO A 507 33.74 17.96 17.42
CA PRO A 507 32.33 17.90 17.00
C PRO A 507 31.46 17.06 17.93
N LEU A 508 32.00 15.97 18.47
CA LEU A 508 31.25 15.16 19.43
C LEU A 508 30.75 15.98 20.60
N THR A 509 31.53 16.99 21.02
CA THR A 509 31.15 17.79 22.18
C THR A 509 29.95 18.67 21.88
N GLU A 510 29.91 19.28 20.70
CA GLU A 510 28.76 20.10 20.31
C GLU A 510 27.53 19.25 20.02
N LEU A 511 27.71 17.95 19.76
CA LEU A 511 26.59 17.04 19.59
C LEU A 511 25.92 16.67 20.90
N LEU A 512 26.56 17.00 22.04
CA LEU A 512 26.03 16.63 23.34
C LEU A 512 24.70 17.31 23.66
N HIS A 513 24.38 18.41 23.00
CA HIS A 513 23.07 19.03 23.12
C HIS A 513 22.40 19.00 21.75
N SER A 514 21.88 17.84 21.40
CA SER A 514 21.17 17.64 20.14
C SER A 514 19.69 17.41 20.41
N ARG A 515 18.85 18.04 19.58
CA ARG A 515 17.42 17.71 19.59
C ARG A 515 17.21 16.21 19.48
N ASN A 516 18.10 15.52 18.77
CA ASN A 516 18.14 14.06 18.75
C ASN A 516 18.98 13.61 19.94
N GLU A 517 18.29 13.32 21.05
CA GLU A 517 18.99 13.00 22.29
C GLU A 517 19.82 11.71 22.16
N GLY A 518 19.45 10.83 21.24
CA GLY A 518 20.25 9.64 21.01
C GLY A 518 21.64 9.96 20.51
N VAL A 519 21.78 11.05 19.77
CA VAL A 519 23.10 11.47 19.28
C VAL A 519 24.00 11.85 20.45
N ALA A 520 23.46 12.60 21.41
CA ALA A 520 24.25 12.98 22.59
C ALA A 520 24.67 11.77 23.39
N THR A 521 23.88 10.69 23.35
CA THR A 521 24.19 9.51 24.14
C THR A 521 25.47 8.82 23.65
N TYR A 522 25.55 8.52 22.34
CA TYR A 522 26.78 7.94 21.80
C TYR A 522 27.94 8.92 21.91
N ALA A 523 27.69 10.20 21.65
CA ALA A 523 28.75 11.20 21.65
C ALA A 523 29.49 11.20 22.99
N ALA A 524 28.75 11.22 24.10
CA ALA A 524 29.38 11.09 25.41
C ALA A 524 30.02 9.73 25.59
N ALA A 525 29.43 8.68 25.02
CA ALA A 525 29.97 7.33 25.16
C ALA A 525 31.35 7.22 24.52
N VAL A 526 31.53 7.85 23.36
CA VAL A 526 32.84 7.87 22.73
C VAL A 526 33.85 8.64 23.57
N LEU A 527 33.43 9.79 24.09
CA LEU A 527 34.34 10.66 24.84
C LEU A 527 34.81 10.00 26.12
N PHE A 528 33.97 9.16 26.72
CA PHE A 528 34.39 8.41 27.92
C PHE A 528 35.50 7.43 27.58
N ARG A 529 35.48 6.83 26.39
CA ARG A 529 36.39 5.74 26.09
C ARG A 529 37.78 6.26 25.71
N MET A 530 37.82 7.37 24.98
CA MET A 530 39.06 7.89 24.41
C MET A 530 40.07 8.28 25.48
N SER A 531 39.86 9.41 26.14
CA SER A 531 40.77 9.90 27.16
C SER A 531 40.31 9.57 28.57
N GLU A 532 39.39 8.62 28.70
CA GLU A 532 38.95 8.10 30.00
C GLU A 532 38.47 9.20 30.94
N GLU B 9 2.49 5.36 12.21
CA GLU B 9 3.20 5.04 13.45
C GLU B 9 2.46 3.98 14.23
N THR B 10 3.21 3.09 14.89
CA THR B 10 2.61 2.11 15.77
C THR B 10 2.30 2.76 17.11
N LEU B 11 1.02 2.76 17.47
CA LEU B 11 0.57 3.23 18.77
C LEU B 11 0.16 2.02 19.60
N VAL B 12 0.60 1.99 20.86
CA VAL B 12 0.31 0.90 21.76
C VAL B 12 -0.43 1.45 22.97
N ARG B 13 -1.12 0.57 23.68
CA ARG B 13 -1.86 0.95 24.88
C ARG B 13 -1.41 0.03 26.01
N PRO B 14 -0.53 0.49 26.89
CA PRO B 14 0.08 -0.41 27.87
C PRO B 14 -0.93 -0.96 28.87
N LYS B 15 -0.64 -2.17 29.34
CA LYS B 15 -1.47 -2.80 30.35
C LYS B 15 -1.35 -2.03 31.67
N PRO B 16 -2.41 -2.02 32.49
CA PRO B 16 -2.40 -1.16 33.69
C PRO B 16 -1.17 -1.36 34.55
N LEU B 17 -0.73 -2.62 34.67
CA LEU B 17 0.56 -2.97 35.22
C LEU B 17 1.67 -2.01 34.77
N LEU B 18 1.91 -1.98 33.45
CA LEU B 18 2.97 -1.13 32.90
C LEU B 18 2.60 0.35 32.91
N LEU B 19 1.31 0.67 32.98
CA LEU B 19 0.89 2.07 32.92
C LEU B 19 1.22 2.81 34.21
N LYS B 20 1.16 2.12 35.36
CA LYS B 20 1.64 2.73 36.59
C LYS B 20 3.09 3.17 36.44
N LEU B 21 3.94 2.27 35.95
CA LEU B 21 5.38 2.52 35.96
C LEU B 21 5.76 3.63 34.99
N LEU B 22 4.99 3.78 33.90
CA LEU B 22 5.16 4.94 33.03
C LEU B 22 4.73 6.23 33.75
N LYS B 23 3.52 6.23 34.30
CA LYS B 23 3.04 7.41 35.02
C LYS B 23 3.80 7.63 36.32
N SER B 24 4.52 6.60 36.79
CA SER B 24 5.47 6.73 37.89
C SER B 24 6.57 7.72 37.62
N VAL B 25 6.81 8.08 36.36
CA VAL B 25 7.88 9.02 36.02
C VAL B 25 7.31 10.14 35.18
N GLY B 26 6.00 10.38 35.29
CA GLY B 26 5.37 11.52 34.65
C GLY B 26 4.88 11.28 33.25
N ALA B 27 4.26 10.13 33.00
CA ALA B 27 3.60 9.87 31.73
C ALA B 27 2.16 10.39 31.79
N GLN B 28 1.64 10.76 30.63
CA GLN B 28 0.38 11.49 30.55
C GLN B 28 -0.76 10.60 30.03
N LYS B 29 -0.65 10.10 28.81
CA LYS B 29 -1.74 9.52 28.05
C LYS B 29 -1.83 8.01 28.30
N ASP B 30 -2.83 7.36 27.71
CA ASP B 30 -2.97 5.92 27.80
C ASP B 30 -2.40 5.17 26.60
N THR B 31 -2.12 5.86 25.50
CA THR B 31 -1.47 5.26 24.34
C THR B 31 -0.19 6.01 24.04
N TYR B 32 0.80 5.27 23.52
CA TYR B 32 2.13 5.81 23.28
C TYR B 32 2.71 5.19 22.03
N THR B 33 3.80 5.78 21.55
CA THR B 33 4.68 5.09 20.62
C THR B 33 5.71 4.28 21.40
N MET B 34 6.27 3.26 20.74
CA MET B 34 7.31 2.46 21.39
C MET B 34 8.48 3.32 21.82
N LYS B 35 8.75 4.42 21.10
CA LYS B 35 9.81 5.35 21.50
C LYS B 35 9.53 5.93 22.89
N GLU B 36 8.30 6.34 23.13
CA GLU B 36 7.96 6.90 24.45
C GLU B 36 8.00 5.83 25.52
N VAL B 37 7.44 4.65 25.24
CA VAL B 37 7.50 3.56 26.20
C VAL B 37 8.95 3.21 26.53
N LEU B 38 9.81 3.21 25.51
CA LEU B 38 11.22 2.92 25.74
C LEU B 38 11.92 4.06 26.48
N PHE B 39 11.44 5.29 26.31
CA PHE B 39 12.04 6.40 27.01
C PHE B 39 11.69 6.38 28.49
N TYR B 40 10.40 6.29 28.81
CA TYR B 40 9.97 6.30 30.20
C TYR B 40 10.48 5.08 30.95
N LEU B 41 10.37 3.90 30.33
CA LEU B 41 10.97 2.70 30.91
C LEU B 41 12.46 2.93 31.18
N GLY B 42 13.14 3.59 30.24
CA GLY B 42 14.55 3.92 30.47
C GLY B 42 14.74 4.95 31.57
N GLN B 43 13.92 6.01 31.57
CA GLN B 43 14.00 7.01 32.62
C GLN B 43 13.77 6.38 33.98
N TYR B 44 12.81 5.46 34.08
CA TYR B 44 12.48 4.79 35.33
C TYR B 44 13.71 4.12 35.91
N ILE B 45 14.35 3.28 35.10
CA ILE B 45 15.48 2.46 35.55
C ILE B 45 16.63 3.33 36.00
N MET B 46 16.80 4.51 35.37
CA MET B 46 17.85 5.43 35.75
C MET B 46 17.46 6.27 36.97
N THR B 47 16.17 6.45 37.25
CA THR B 47 15.77 7.17 38.45
C THR B 47 15.87 6.30 39.69
N LYS B 48 15.12 5.17 39.68
CA LYS B 48 15.33 4.12 40.66
C LYS B 48 16.79 3.76 40.75
N ARG B 49 17.57 3.95 39.70
CA ARG B 49 18.98 3.55 39.65
C ARG B 49 19.16 2.11 39.96
N LEU B 50 18.42 1.31 39.22
CA LEU B 50 18.43 -0.14 39.42
C LEU B 50 19.64 -0.82 38.81
N TYR B 51 20.44 -0.09 38.04
CA TYR B 51 21.57 -0.68 37.34
C TYR B 51 22.80 -0.70 38.24
N ASP B 52 23.61 -1.70 38.01
CA ASP B 52 24.83 -1.88 38.69
C ASP B 52 25.79 -0.94 38.06
N GLU B 53 26.57 -0.24 38.85
CA GLU B 53 27.58 0.68 38.33
C GLU B 53 28.87 0.00 37.91
N LYS B 54 29.16 -1.21 38.40
CA LYS B 54 30.34 -1.93 37.92
C LYS B 54 30.18 -2.26 36.44
N GLN B 55 28.99 -2.72 36.05
CA GLN B 55 28.64 -3.05 34.66
C GLN B 55 27.23 -2.49 34.43
N GLN B 56 27.12 -1.34 33.81
CA GLN B 56 25.88 -0.59 33.89
C GLN B 56 24.86 -1.03 32.86
N HIS B 57 25.03 -2.24 32.34
CA HIS B 57 24.03 -2.88 31.50
C HIS B 57 23.27 -3.96 32.26
N ILE B 58 23.62 -4.24 33.51
CA ILE B 58 22.87 -5.16 34.34
C ILE B 58 21.84 -4.38 35.15
N VAL B 59 20.62 -4.92 35.26
CA VAL B 59 19.55 -4.25 35.97
C VAL B 59 18.85 -5.22 36.91
N TYR B 60 19.18 -5.15 38.20
CA TYR B 60 18.49 -5.94 39.23
C TYR B 60 17.23 -5.19 39.67
N CYS B 61 16.08 -5.83 39.51
CA CYS B 61 14.81 -5.28 39.94
C CYS B 61 14.10 -6.21 40.92
N SER B 62 14.91 -6.74 41.83
CA SER B 62 14.49 -7.71 42.84
C SER B 62 13.22 -7.37 43.50
N ASN B 63 13.19 -6.35 44.33
CA ASN B 63 11.92 -6.04 44.96
C ASN B 63 11.32 -4.74 44.48
N ASP B 64 11.53 -4.46 43.21
CA ASP B 64 10.99 -3.30 42.59
C ASP B 64 9.86 -3.77 41.72
N LEU B 65 8.93 -2.88 41.44
CA LEU B 65 7.81 -3.10 40.58
C LEU B 65 8.18 -3.69 39.25
N LEU B 66 9.24 -3.20 38.62
CA LEU B 66 9.78 -3.73 37.36
C LEU B 66 9.88 -5.23 37.31
N GLY B 67 10.42 -5.82 38.36
CA GLY B 67 10.48 -7.28 38.43
C GLY B 67 9.10 -7.89 38.54
N ASP B 68 8.23 -7.16 39.21
CA ASP B 68 6.85 -7.57 39.39
C ASP B 68 6.11 -7.48 38.05
N LEU B 69 6.49 -6.53 37.21
CA LEU B 69 5.80 -6.40 35.91
C LEU B 69 6.47 -7.22 34.82
N PHE B 70 7.76 -7.38 34.88
CA PHE B 70 8.46 -8.18 33.92
C PHE B 70 8.52 -9.67 34.14
N GLY B 71 8.92 -10.11 35.33
CA GLY B 71 9.15 -11.54 35.62
C GLY B 71 10.67 -11.71 35.64
N VAL B 72 11.24 -12.34 36.73
CA VAL B 72 12.63 -12.56 37.09
C VAL B 72 13.15 -11.32 37.81
N PRO B 73 14.18 -11.43 38.66
CA PRO B 73 14.74 -10.25 39.34
C PRO B 73 15.87 -9.51 38.66
N SER B 74 16.51 -10.01 37.59
CA SER B 74 17.74 -9.35 37.15
C SER B 74 18.13 -9.59 35.70
N PHE B 75 17.57 -8.84 34.77
CA PHE B 75 17.94 -8.97 33.37
C PHE B 75 19.15 -8.10 33.06
N SER B 76 19.63 -8.21 31.82
CA SER B 76 20.65 -7.32 31.28
C SER B 76 20.04 -6.46 30.17
N VAL B 77 20.54 -5.23 30.06
CA VAL B 77 20.04 -4.33 29.02
C VAL B 77 20.34 -4.86 27.62
N LYS B 78 21.33 -5.73 27.47
CA LYS B 78 21.83 -6.12 26.16
C LYS B 78 21.25 -7.45 25.67
N GLU B 79 20.28 -8.03 26.37
CA GLU B 79 19.64 -9.28 25.96
C GLU B 79 18.40 -9.01 25.12
N HIS B 80 18.54 -8.09 24.15
CA HIS B 80 17.43 -7.33 23.57
C HIS B 80 16.13 -8.10 23.39
N ARG B 81 16.18 -9.29 22.80
CA ARG B 81 14.95 -10.00 22.48
C ARG B 81 14.19 -10.45 23.73
N LYS B 82 14.91 -10.71 24.83
CA LYS B 82 14.21 -11.04 26.07
C LYS B 82 13.46 -9.84 26.61
N ILE B 83 14.01 -8.63 26.45
CA ILE B 83 13.37 -7.44 27.01
C ILE B 83 12.14 -7.06 26.18
N TYR B 84 12.30 -7.07 24.85
CA TYR B 84 11.19 -6.73 23.97
C TYR B 84 10.04 -7.72 24.14
N THR B 85 10.35 -9.00 24.30
CA THR B 85 9.32 -10.00 24.57
C THR B 85 8.52 -9.61 25.82
N MET B 86 9.21 -9.30 26.92
CA MET B 86 8.53 -8.86 28.13
C MET B 86 7.77 -7.56 27.88
N ILE B 87 8.33 -6.67 27.05
CA ILE B 87 7.65 -5.42 26.72
C ILE B 87 6.36 -5.70 25.94
N TYR B 88 6.46 -6.51 24.88
CA TYR B 88 5.29 -6.87 24.10
C TYR B 88 4.20 -7.46 24.97
N ARG B 89 4.59 -8.29 25.95
CA ARG B 89 3.61 -8.97 26.79
C ARG B 89 2.68 -7.98 27.47
N ASN B 90 3.18 -6.80 27.81
CA ASN B 90 2.39 -5.79 28.51
C ASN B 90 1.76 -4.77 27.58
N LEU B 91 1.66 -5.08 26.28
CA LEU B 91 1.22 -4.10 25.30
C LEU B 91 0.09 -4.66 24.45
N VAL B 92 -0.65 -3.74 23.84
CA VAL B 92 -1.69 -4.04 22.86
C VAL B 92 -1.57 -3.04 21.73
N VAL B 93 -1.25 -3.51 20.53
CA VAL B 93 -0.95 -2.63 19.40
C VAL B 93 -2.24 -2.02 18.86
N VAL B 94 -2.12 -0.79 18.34
CA VAL B 94 -3.26 -0.10 17.74
C VAL B 94 -2.98 0.15 16.26
N GLN C 7 27.13 7.39 34.25
CA GLN C 7 25.84 6.87 33.83
C GLN C 7 25.77 6.78 32.31
N VAL C 8 26.84 7.28 31.68
CA VAL C 8 26.92 7.25 30.22
C VAL C 8 26.91 5.82 29.70
N CYS C 9 27.64 4.93 30.38
CA CYS C 9 27.70 3.54 29.93
C CYS C 9 26.32 2.90 29.91
N TYR C 10 25.46 3.26 30.86
CA TYR C 10 24.12 2.66 30.89
C TYR C 10 23.22 3.23 29.81
N GLN C 11 23.19 4.56 29.65
CA GLN C 11 22.34 5.13 28.59
C GLN C 11 22.75 4.68 27.22
N ALA C 12 24.04 4.46 27.00
CA ALA C 12 24.49 3.98 25.69
C ALA C 12 24.02 2.55 25.45
N ALA C 13 23.98 1.73 26.50
CA ALA C 13 23.43 0.39 26.37
C ALA C 13 21.92 0.43 26.16
N TRP C 14 21.23 1.36 26.84
CA TRP C 14 19.80 1.50 26.62
C TRP C 14 19.50 2.06 25.24
N GLN C 15 20.43 2.81 24.66
CA GLN C 15 20.19 3.37 23.35
C GLN C 15 20.41 2.33 22.24
N CYS C 16 21.35 1.41 22.45
CA CYS C 16 21.44 0.24 21.59
C CYS C 16 20.15 -0.56 21.63
N LEU C 17 19.55 -0.70 22.80
CA LEU C 17 18.24 -1.32 22.92
C LEU C 17 17.25 -0.63 22.00
N SER C 18 17.05 0.68 22.22
CA SER C 18 16.00 1.42 21.53
C SER C 18 16.25 1.53 20.04
N ASP C 19 17.49 1.31 19.59
CA ASP C 19 17.77 1.39 18.16
C ASP C 19 17.10 0.30 17.35
N ASP C 20 16.74 -0.82 17.99
CA ASP C 20 16.04 -1.89 17.28
C ASP C 20 14.66 -1.47 16.82
N TRP C 21 14.10 -0.40 17.40
CA TRP C 21 12.83 0.17 16.94
C TRP C 21 13.03 1.38 16.05
N ASP C 22 14.10 1.43 15.27
CA ASP C 22 14.22 2.53 14.33
C ASP C 22 14.08 1.99 12.92
#